data_3OHB
#
_entry.id   3OHB
#
_cell.length_a   87.958
_cell.length_b   228.268
_cell.length_c   85.932
_cell.angle_alpha   90.000
_cell.angle_beta   90.000
_cell.angle_gamma   90.000
#
_symmetry.space_group_name_H-M   'C 2 2 21'
#
loop_
_entity.id
_entity.type
_entity.pdbx_description
1 polymer 'DNA polymerase eta'
2 polymer "5'-D(*TP*AP*AP*TP*GP*(8OG)P*AP*GP*GP*GP*GP*AP*GP*GP*AP*C)-3'"
3 polymer "5'-D(*GP*TP*CP*CP*TP*CP*CP*CP*CP*TP*(DOC))-3'"
4 non-polymer "2'-DEOXYCYTIDINE-5'-TRIPHOSPHATE"
5 non-polymer 'MAGNESIUM ION'
6 non-polymer 'SULFATE ION'
7 water water
#
loop_
_entity_poly.entity_id
_entity_poly.type
_entity_poly.pdbx_seq_one_letter_code
_entity_poly.pdbx_strand_id
1 'polypeptide(L)'
;GPGGDPHMSKFTWKELIQLGSPSKAYESSLACIAHIDMNAFFAQVEQMRCGLSKEDPVVCVQWNSIIAVSYAARKYGISR
MDTIQEALKKCSNLIPIHTAVFKKGEDFWQYHDGCGSWVQDPAKQISVEDHKVSLEPYRRESRKALAIFKWACDLVERAS
IDEVFLDLGRICFNMLMFDNEYELTGDLKLKDALSNIREAFIGGNYDINSHLPLIPEKIKSLKFEGDVFNPEGRDLITDW
DDVILALGSQVCKGIRDSIKDILGYTTSCGLSSTKNVCKLASNYKKPDAQTIVKNDCLLDFLDCGKFEITSFWTLGGVLG
KELIDVLDLPHENSIKHIRETWPDNAGQLKEFLDAKVKQSDYDRSTSNIDPLKTADLAEKLFKLSRGRYGLPLSSRPVVK
SMMSNKNLRGKSCNSIVDCISWLEVFCAELTSRIQDLEQEYNKIVIPRTVSISLKTKSYEVYRKSGPVAYKGINFQSHEL
LKVGIKFVTDLDIKGKNKSYYPLTKLSMTITNFDIIDLQK
;
A
2 'polydeoxyribonucleotide' (DT)(DA)(DA)(DT)(DG)(8OG)(DA)(DG)(DG)(DG)(DG)(DA)(DG)(DG)(DA)(DC) T
3 'polydeoxyribonucleotide' (DG)(DT)(DC)(DC)(DT)(DC)(DC)(DC)(DC)(DT)(DOC) P
#
loop_
_chem_comp.id
_chem_comp.type
_chem_comp.name
_chem_comp.formula
8OG DNA linking 8-OXO-2'-DEOXY-GUANOSINE-5'-MONOPHOSPHATE 'C10 H14 N5 O8 P'
DA DNA linking 2'-DEOXYADENOSINE-5'-MONOPHOSPHATE 'C10 H14 N5 O6 P'
DC DNA linking 2'-DEOXYCYTIDINE-5'-MONOPHOSPHATE 'C9 H14 N3 O7 P'
DCP non-polymer 2'-DEOXYCYTIDINE-5'-TRIPHOSPHATE 'C9 H16 N3 O13 P3'
DG DNA linking 2'-DEOXYGUANOSINE-5'-MONOPHOSPHATE 'C10 H14 N5 O7 P'
DOC DNA linking 2',3'-DIDEOXYCYTIDINE-5'-MONOPHOSPHATE 'C9 H14 N3 O6 P'
DT DNA linking THYMIDINE-5'-MONOPHOSPHATE 'C10 H15 N2 O8 P'
MG non-polymer 'MAGNESIUM ION' 'Mg 2'
SO4 non-polymer 'SULFATE ION' 'O4 S -2'
#
# COMPACT_ATOMS: atom_id res chain seq x y z
N ASP A 5 15.81 24.59 -25.03
CA ASP A 5 17.25 24.65 -25.47
C ASP A 5 17.89 23.26 -25.37
N PRO A 6 18.21 22.64 -26.54
CA PRO A 6 18.78 21.29 -26.53
C PRO A 6 20.27 21.26 -26.15
N HIS A 7 20.86 22.43 -25.94
CA HIS A 7 22.20 22.52 -25.43
C HIS A 7 22.27 22.40 -23.91
N MET A 8 21.10 22.34 -23.24
N MET A 8 21.13 22.10 -23.28
CA MET A 8 21.00 22.28 -21.78
CA MET A 8 21.04 22.09 -21.85
C MET A 8 20.12 21.09 -21.35
C MET A 8 20.12 20.99 -21.36
N SER A 9 20.22 20.73 -20.07
CA SER A 9 19.36 19.79 -19.43
C SER A 9 17.89 20.19 -19.58
N LYS A 10 17.01 19.22 -19.46
CA LYS A 10 15.57 19.53 -19.48
C LYS A 10 15.16 20.12 -18.13
N PHE A 11 16.04 20.05 -17.13
CA PHE A 11 15.65 20.33 -15.74
C PHE A 11 16.32 21.61 -15.25
N THR A 12 15.74 22.22 -14.22
CA THR A 12 16.21 23.47 -13.67
C THR A 12 16.82 23.25 -12.29
N TRP A 13 17.57 24.25 -11.86
CA TRP A 13 18.05 24.31 -10.49
C TRP A 13 16.92 24.19 -9.49
N LYS A 14 15.80 24.88 -9.75
CA LYS A 14 14.64 24.80 -8.88
C LYS A 14 14.19 23.36 -8.64
N GLU A 15 14.08 22.58 -9.70
CA GLU A 15 13.65 21.20 -9.60
C GLU A 15 14.64 20.33 -8.80
N LEU A 16 15.92 20.63 -8.92
CA LEU A 16 16.96 19.89 -8.20
C LEU A 16 16.97 20.26 -6.71
N ILE A 17 16.92 21.57 -6.45
CA ILE A 17 16.96 22.07 -5.08
C ILE A 17 15.68 21.63 -4.35
N GLN A 18 14.55 21.55 -5.04
CA GLN A 18 13.36 21.09 -4.33
C GLN A 18 13.37 19.61 -3.85
N LEU A 19 14.30 18.79 -4.34
CA LEU A 19 14.47 17.46 -3.77
C LEU A 19 14.81 17.51 -2.27
N GLY A 20 15.45 18.59 -1.84
CA GLY A 20 15.76 18.80 -0.42
C GLY A 20 14.61 19.27 0.45
N SER A 21 13.42 19.46 -0.12
CA SER A 21 12.24 19.85 0.63
C SER A 21 11.26 18.70 0.75
N PRO A 22 11.04 18.17 1.98
CA PRO A 22 10.05 17.10 2.14
C PRO A 22 8.65 17.48 1.62
N SER A 23 8.27 18.75 1.76
CA SER A 23 6.92 19.13 1.38
C SER A 23 6.77 19.28 -0.16
N LYS A 24 7.84 19.59 -0.88
CA LYS A 24 7.75 19.84 -2.33
C LYS A 24 8.51 18.84 -3.24
N ALA A 25 9.31 17.92 -2.67
CA ALA A 25 10.17 17.07 -3.50
C ALA A 25 9.34 16.25 -4.50
N TYR A 26 8.14 15.83 -4.10
CA TYR A 26 7.30 14.98 -4.95
C TYR A 26 6.85 15.67 -6.25
N GLU A 27 6.80 17.00 -6.28
N GLU A 27 6.84 17.00 -6.28
CA GLU A 27 6.26 17.72 -7.46
CA GLU A 27 6.31 17.76 -7.41
C GLU A 27 7.35 18.03 -8.48
C GLU A 27 7.34 17.87 -8.52
N SER A 28 8.59 17.68 -8.15
CA SER A 28 9.71 17.83 -9.05
C SER A 28 9.70 16.73 -10.10
N SER A 29 9.95 17.11 -11.34
CA SER A 29 10.13 16.08 -12.36
C SER A 29 11.41 15.24 -12.13
N LEU A 30 12.31 15.69 -11.24
CA LEU A 30 13.47 14.89 -10.77
C LEU A 30 13.17 14.02 -9.54
N ALA A 31 11.91 13.95 -9.09
CA ALA A 31 11.57 13.18 -7.89
C ALA A 31 12.06 11.76 -7.99
N CYS A 32 12.43 11.19 -6.85
CA CYS A 32 12.83 9.80 -6.78
C CYS A 32 12.03 9.11 -5.67
N ILE A 33 11.02 8.34 -6.09
CA ILE A 33 10.11 7.68 -5.19
C ILE A 33 10.36 6.17 -5.30
N ALA A 34 10.20 5.48 -4.17
CA ALA A 34 10.25 4.02 -4.13
C ALA A 34 8.92 3.50 -3.55
N HIS A 35 8.42 2.44 -4.14
CA HIS A 35 7.35 1.65 -3.54
C HIS A 35 7.94 0.29 -3.21
N ILE A 36 7.80 -0.13 -1.96
CA ILE A 36 8.39 -1.35 -1.48
C ILE A 36 7.29 -2.24 -0.93
N ASP A 37 7.22 -3.46 -1.46
CA ASP A 37 6.16 -4.39 -1.14
C ASP A 37 6.78 -5.72 -0.69
N MET A 38 6.42 -6.16 0.52
CA MET A 38 6.88 -7.45 1.06
C MET A 38 6.41 -8.61 0.17
N ASN A 39 7.31 -9.50 -0.16
CA ASN A 39 6.97 -10.67 -0.96
C ASN A 39 6.16 -11.63 -0.08
N ALA A 40 5.05 -12.12 -0.61
CA ALA A 40 4.23 -13.17 0.05
C ALA A 40 4.12 -12.96 1.56
N PHE A 41 3.69 -11.78 1.95
CA PHE A 41 3.97 -11.30 3.28
C PHE A 41 3.54 -12.25 4.39
N PHE A 42 2.26 -12.62 4.45
CA PHE A 42 1.80 -13.42 5.60
C PHE A 42 2.50 -14.78 5.62
N ALA A 43 2.82 -15.30 4.44
CA ALA A 43 3.54 -16.59 4.35
C ALA A 43 4.96 -16.43 4.87
N GLN A 44 5.62 -15.31 4.53
CA GLN A 44 6.98 -15.02 5.07
C GLN A 44 6.96 -14.85 6.59
N VAL A 45 5.95 -14.18 7.13
CA VAL A 45 5.82 -14.02 8.59
C VAL A 45 5.73 -15.39 9.26
N GLU A 46 4.92 -16.27 8.70
CA GLU A 46 4.78 -17.64 9.25
C GLU A 46 6.05 -18.48 9.10
N GLN A 47 6.70 -18.35 7.96
CA GLN A 47 8.00 -18.98 7.73
C GLN A 47 9.01 -18.60 8.81
N MET A 48 9.12 -17.31 9.09
CA MET A 48 10.06 -16.82 10.09
C MET A 48 9.63 -17.23 11.50
N ARG A 49 8.33 -17.16 11.80
CA ARG A 49 7.86 -17.60 13.10
C ARG A 49 8.21 -19.08 13.35
N CYS A 50 8.06 -19.91 12.32
CA CYS A 50 8.26 -21.36 12.45
C CYS A 50 9.70 -21.85 12.16
N GLY A 51 10.63 -20.93 11.97
CA GLY A 51 12.03 -21.29 11.71
C GLY A 51 12.24 -22.04 10.39
N LEU A 52 11.39 -21.75 9.40
CA LEU A 52 11.48 -22.42 8.11
C LEU A 52 12.30 -21.61 7.13
N SER A 53 12.62 -22.21 5.99
CA SER A 53 13.47 -21.56 4.99
C SER A 53 12.65 -21.08 3.79
N LYS A 54 13.29 -20.23 2.96
CA LYS A 54 12.75 -19.80 1.66
C LYS A 54 12.39 -20.96 0.72
N GLU A 55 12.95 -22.14 0.93
CA GLU A 55 12.64 -23.31 0.09
C GLU A 55 11.43 -24.10 0.55
N ASP A 56 10.95 -23.87 1.76
CA ASP A 56 9.77 -24.59 2.28
C ASP A 56 8.45 -24.01 1.70
N PRO A 57 7.57 -24.89 1.16
CA PRO A 57 6.36 -24.41 0.50
C PRO A 57 5.24 -24.11 1.52
N VAL A 58 5.35 -22.93 2.12
CA VAL A 58 4.41 -22.46 3.13
C VAL A 58 3.24 -21.76 2.47
N VAL A 59 2.05 -22.00 3.01
CA VAL A 59 0.92 -21.17 2.70
C VAL A 59 0.22 -20.76 3.98
N CYS A 60 -0.25 -19.53 4.01
CA CYS A 60 -1.01 -19.02 5.14
C CYS A 60 -2.48 -19.26 4.86
N VAL A 61 -3.18 -19.90 5.81
CA VAL A 61 -4.56 -20.32 5.61
C VAL A 61 -5.51 -19.59 6.56
N GLN A 62 -6.64 -19.14 6.02
CA GLN A 62 -7.69 -18.51 6.80
C GLN A 62 -8.97 -19.28 6.52
N TRP A 63 -9.42 -20.05 7.51
CA TRP A 63 -10.56 -20.95 7.38
C TRP A 63 -10.19 -22.00 6.33
N ASN A 64 -10.83 -22.00 5.16
CA ASN A 64 -10.41 -22.94 4.10
C ASN A 64 -9.70 -22.28 2.91
N SER A 65 -9.40 -20.98 3.02
CA SER A 65 -8.80 -20.22 1.91
C SER A 65 -7.32 -19.96 2.15
N ILE A 66 -6.52 -20.12 1.10
CA ILE A 66 -5.13 -19.67 1.14
C ILE A 66 -5.12 -18.17 0.91
N ILE A 67 -4.60 -17.45 1.88
CA ILE A 67 -4.56 -15.99 1.76
C ILE A 67 -3.16 -15.46 1.50
N ALA A 68 -2.13 -16.30 1.62
CA ALA A 68 -0.80 -15.93 1.13
C ALA A 68 -0.03 -17.19 0.74
N VAL A 69 0.71 -17.10 -0.35
CA VAL A 69 1.42 -18.23 -0.92
C VAL A 69 2.90 -17.88 -1.02
N SER A 70 3.77 -18.59 -0.27
CA SER A 70 5.22 -18.44 -0.40
C SER A 70 5.66 -18.66 -1.84
N TYR A 71 6.80 -18.06 -2.20
CA TYR A 71 7.33 -18.25 -3.56
C TYR A 71 7.73 -19.71 -3.83
N ALA A 72 8.11 -20.45 -2.80
CA ALA A 72 8.35 -21.88 -2.94
C ALA A 72 7.08 -22.64 -3.36
N ALA A 73 5.96 -22.34 -2.72
CA ALA A 73 4.66 -22.96 -3.08
C ALA A 73 4.13 -22.53 -4.44
N ARG A 74 4.46 -21.31 -4.86
CA ARG A 74 4.06 -20.84 -6.18
C ARG A 74 4.63 -21.69 -7.32
N LYS A 75 5.80 -22.28 -7.10
CA LYS A 75 6.44 -23.15 -8.09
C LYS A 75 5.60 -24.39 -8.42
N TYR A 76 4.67 -24.73 -7.53
CA TYR A 76 3.71 -25.81 -7.74
C TYR A 76 2.40 -25.34 -8.37
N GLY A 77 2.30 -24.05 -8.69
CA GLY A 77 1.09 -23.54 -9.32
C GLY A 77 0.00 -23.11 -8.35
N ILE A 78 0.32 -23.05 -7.04
CA ILE A 78 -0.63 -22.62 -6.00
C ILE A 78 -0.82 -21.09 -6.08
N SER A 79 -2.09 -20.65 -5.99
CA SER A 79 -2.47 -19.23 -6.07
C SER A 79 -3.28 -18.80 -4.84
N ARG A 80 -3.16 -17.52 -4.48
CA ARG A 80 -4.01 -16.91 -3.46
C ARG A 80 -5.43 -17.21 -3.83
N MET A 81 -6.20 -17.52 -2.81
CA MET A 81 -7.60 -17.89 -2.91
C MET A 81 -7.87 -19.29 -3.48
N ASP A 82 -6.82 -20.08 -3.74
CA ASP A 82 -7.00 -21.53 -3.83
C ASP A 82 -7.60 -21.99 -2.48
N THR A 83 -8.37 -23.06 -2.49
CA THR A 83 -8.79 -23.66 -1.23
C THR A 83 -7.63 -24.54 -0.78
N ILE A 84 -7.62 -24.85 0.51
CA ILE A 84 -6.54 -25.68 1.04
C ILE A 84 -6.54 -27.07 0.35
N GLN A 85 -7.70 -27.63 0.08
CA GLN A 85 -7.78 -28.92 -0.61
C GLN A 85 -7.22 -28.85 -2.04
N GLU A 86 -7.55 -27.77 -2.76
CA GLU A 86 -6.97 -27.53 -4.09
C GLU A 86 -5.43 -27.45 -4.04
N ALA A 87 -4.91 -26.75 -3.04
CA ALA A 87 -3.46 -26.59 -2.91
C ALA A 87 -2.78 -27.93 -2.59
N LEU A 88 -3.43 -28.74 -1.78
CA LEU A 88 -2.84 -30.04 -1.39
C LEU A 88 -2.73 -30.97 -2.59
N LYS A 89 -3.67 -30.84 -3.54
CA LYS A 89 -3.61 -31.60 -4.79
C LYS A 89 -2.40 -31.20 -5.66
N LYS A 90 -1.90 -29.98 -5.50
CA LYS A 90 -0.80 -29.47 -6.32
C LYS A 90 0.59 -29.72 -5.69
N CYS A 91 0.65 -29.99 -4.39
CA CYS A 91 1.94 -30.05 -3.69
C CYS A 91 1.87 -30.98 -2.49
N SER A 92 2.57 -32.11 -2.60
CA SER A 92 2.48 -33.16 -1.60
CA SER A 92 2.50 -33.16 -1.60
C SER A 92 3.18 -32.78 -0.29
N ASN A 93 4.17 -31.91 -0.35
CA ASN A 93 4.90 -31.49 0.85
CA ASN A 93 4.87 -31.51 0.87
C ASN A 93 4.49 -30.09 1.34
N LEU A 94 3.26 -29.68 1.03
CA LEU A 94 2.76 -28.35 1.42
C LEU A 94 2.79 -28.16 2.94
N ILE A 95 3.13 -26.96 3.38
CA ILE A 95 3.10 -26.61 4.79
C ILE A 95 2.05 -25.50 5.03
N PRO A 96 0.79 -25.90 5.21
CA PRO A 96 -0.27 -24.95 5.49
C PRO A 96 -0.24 -24.53 6.95
N ILE A 97 -0.31 -23.22 7.20
CA ILE A 97 -0.26 -22.70 8.55
C ILE A 97 -1.44 -21.76 8.70
N HIS A 98 -2.34 -22.09 9.62
CA HIS A 98 -3.51 -21.27 9.87
C HIS A 98 -3.12 -19.98 10.62
N THR A 99 -3.87 -18.91 10.37
CA THR A 99 -3.70 -17.68 11.11
C THR A 99 -3.91 -17.99 12.59
N ALA A 100 -3.33 -17.15 13.44
CA ALA A 100 -3.71 -17.13 14.85
C ALA A 100 -5.21 -16.85 14.98
N VAL A 101 -5.77 -17.27 16.12
CA VAL A 101 -7.22 -17.11 16.38
C VAL A 101 -7.52 -16.83 17.86
N PHE A 102 -8.63 -16.12 18.10
CA PHE A 102 -9.28 -16.01 19.41
C PHE A 102 -10.37 -17.07 19.50
N LYS A 103 -10.52 -17.69 20.65
CA LYS A 103 -11.66 -18.60 20.86
C LYS A 103 -12.80 -17.85 21.53
N LYS A 104 -14.01 -18.01 21.02
CA LYS A 104 -15.17 -17.38 21.64
C LYS A 104 -15.20 -17.76 23.10
N GLY A 105 -15.33 -16.77 23.97
CA GLY A 105 -15.29 -16.99 25.41
C GLY A 105 -13.92 -16.76 26.04
N GLU A 106 -12.89 -16.52 25.24
CA GLU A 106 -11.56 -16.21 25.77
C GLU A 106 -11.17 -14.80 25.34
N ASP A 107 -10.13 -14.26 25.94
CA ASP A 107 -9.78 -12.85 25.72
C ASP A 107 -8.33 -12.63 25.20
N PHE A 108 -7.73 -13.68 24.64
CA PHE A 108 -6.39 -13.62 24.12
C PHE A 108 -6.38 -14.42 22.83
N TRP A 109 -5.43 -14.14 21.94
CA TRP A 109 -5.28 -14.90 20.71
C TRP A 109 -4.09 -15.84 20.83
N GLN A 110 -4.11 -16.92 20.08
CA GLN A 110 -2.94 -17.77 19.97
C GLN A 110 -2.95 -18.56 18.66
N TYR A 111 -1.78 -19.11 18.32
CA TYR A 111 -1.66 -20.06 17.23
C TYR A 111 -2.01 -21.44 17.73
N HIS A 112 -2.72 -22.20 16.90
CA HIS A 112 -2.92 -23.62 17.10
C HIS A 112 -2.23 -24.37 15.95
N ASP A 113 -0.92 -24.53 16.08
CA ASP A 113 -0.13 -25.17 15.04
C ASP A 113 -0.38 -26.67 15.04
N GLY A 114 -0.48 -27.24 13.84
CA GLY A 114 -0.93 -28.61 13.68
C GLY A 114 -2.43 -28.71 13.48
N CYS A 115 -3.14 -27.58 13.57
CA CYS A 115 -4.61 -27.60 13.46
C CYS A 115 -5.16 -26.85 12.25
N GLY A 116 -6.31 -27.32 11.77
CA GLY A 116 -6.96 -26.76 10.59
C GLY A 116 -7.86 -27.78 9.89
N SER A 117 -8.60 -27.31 8.89
CA SER A 117 -9.58 -28.15 8.19
C SER A 117 -8.96 -29.31 7.40
N TRP A 118 -7.68 -29.19 7.08
CA TRP A 118 -6.96 -30.25 6.36
C TRP A 118 -6.45 -31.36 7.29
N VAL A 119 -6.66 -31.22 8.60
CA VAL A 119 -6.20 -32.24 9.55
C VAL A 119 -7.34 -33.24 9.79
N GLN A 120 -7.02 -34.54 9.72
CA GLN A 120 -8.04 -35.59 9.85
C GLN A 120 -8.62 -35.60 11.28
N ASP A 121 -7.75 -35.50 12.27
CA ASP A 121 -8.16 -35.51 13.68
C ASP A 121 -9.21 -34.41 13.98
N PRO A 122 -10.39 -34.81 14.53
CA PRO A 122 -11.38 -33.80 14.98
C PRO A 122 -11.01 -33.10 16.30
N ALA A 123 -9.98 -33.58 16.99
CA ALA A 123 -9.41 -32.85 18.14
C ALA A 123 -8.48 -31.71 17.71
N LYS A 124 -8.09 -31.67 16.44
CA LYS A 124 -7.16 -30.63 15.94
C LYS A 124 -7.82 -29.79 14.84
N GLN A 125 -9.05 -29.39 15.10
CA GLN A 125 -9.83 -28.58 14.17
C GLN A 125 -9.86 -27.13 14.69
N ILE A 126 -9.96 -26.16 13.78
CA ILE A 126 -10.17 -24.77 14.18
C ILE A 126 -11.48 -24.32 13.61
N SER A 127 -12.54 -24.48 14.39
CA SER A 127 -13.89 -24.29 13.90
C SER A 127 -14.23 -22.82 13.62
N VAL A 128 -14.84 -22.56 12.47
CA VAL A 128 -15.36 -21.24 12.13
C VAL A 128 -16.51 -20.80 13.05
N GLU A 129 -17.15 -21.77 13.70
CA GLU A 129 -18.27 -21.47 14.58
C GLU A 129 -17.85 -20.77 15.86
N ASP A 130 -16.66 -21.09 16.39
CA ASP A 130 -16.25 -20.68 17.73
CA ASP A 130 -16.33 -20.52 17.70
C ASP A 130 -14.94 -19.89 17.80
N HIS A 131 -14.39 -19.48 16.66
CA HIS A 131 -13.16 -18.70 16.63
C HIS A 131 -13.30 -17.45 15.77
N LYS A 132 -12.47 -16.45 16.05
CA LYS A 132 -12.20 -15.35 15.10
C LYS A 132 -10.70 -15.23 14.81
N VAL A 133 -10.39 -14.65 13.66
CA VAL A 133 -9.00 -14.49 13.19
C VAL A 133 -8.31 -13.39 14.02
N SER A 134 -7.02 -13.56 14.29
CA SER A 134 -6.13 -12.48 14.69
C SER A 134 -5.07 -12.25 13.62
N LEU A 135 -5.03 -11.04 13.07
CA LEU A 135 -4.00 -10.61 12.14
C LEU A 135 -2.85 -9.94 12.87
N GLU A 136 -2.85 -9.96 14.21
CA GLU A 136 -1.85 -9.22 14.97
C GLU A 136 -0.39 -9.62 14.72
N PRO A 137 -0.11 -10.91 14.49
CA PRO A 137 1.29 -11.23 14.13
C PRO A 137 1.77 -10.51 12.88
N TYR A 138 0.89 -10.33 11.90
CA TYR A 138 1.26 -9.65 10.67
C TYR A 138 1.39 -8.13 10.92
N ARG A 139 0.46 -7.57 11.69
CA ARG A 139 0.51 -6.14 12.08
C ARG A 139 1.79 -5.81 12.85
N ARG A 140 2.20 -6.70 13.76
CA ARG A 140 3.42 -6.48 14.54
C ARG A 140 4.65 -6.41 13.66
N GLU A 141 4.76 -7.37 12.74
CA GLU A 141 5.89 -7.40 11.82
C GLU A 141 5.87 -6.20 10.85
N SER A 142 4.68 -5.76 10.46
CA SER A 142 4.54 -4.56 9.65
C SER A 142 5.09 -3.33 10.37
N ARG A 143 4.80 -3.20 11.67
CA ARG A 143 5.27 -2.07 12.46
C ARG A 143 6.79 -2.14 12.65
N LYS A 144 7.36 -3.35 12.78
CA LYS A 144 8.81 -3.50 12.86
C LYS A 144 9.51 -3.06 11.56
N ALA A 145 8.90 -3.42 10.43
CA ALA A 145 9.41 -2.99 9.14
C ALA A 145 9.31 -1.44 9.00
N LEU A 146 8.17 -0.88 9.40
CA LEU A 146 7.98 0.57 9.33
C LEU A 146 9.07 1.32 10.10
N ALA A 147 9.42 0.83 11.29
CA ALA A 147 10.48 1.44 12.10
C ALA A 147 11.83 1.46 11.37
N ILE A 148 12.11 0.41 10.62
CA ILE A 148 13.35 0.32 9.84
C ILE A 148 13.31 1.29 8.65
N PHE A 149 12.19 1.34 7.95
CA PHE A 149 12.06 2.30 6.86
C PHE A 149 12.20 3.74 7.35
N LYS A 150 11.60 4.07 8.48
CA LYS A 150 11.67 5.45 8.98
C LYS A 150 13.04 5.85 9.53
N TRP A 151 13.79 4.85 10.01
CA TRP A 151 15.18 5.05 10.43
C TRP A 151 16.02 5.39 9.19
N ALA A 152 15.71 4.78 8.07
CA ALA A 152 16.50 5.00 6.85
C ALA A 152 16.09 6.24 6.04
N CYS A 153 14.85 6.70 6.16
CA CYS A 153 14.30 7.69 5.24
C CYS A 153 13.38 8.65 5.99
N ASP A 154 13.49 9.94 5.70
CA ASP A 154 12.75 10.97 6.45
C ASP A 154 11.29 11.13 6.04
N LEU A 155 10.84 10.42 5.00
CA LEU A 155 9.44 10.53 4.60
C LEU A 155 8.95 9.19 4.03
N VAL A 156 8.16 8.49 4.84
CA VAL A 156 7.71 7.16 4.57
C VAL A 156 6.20 7.14 4.76
N GLU A 157 5.46 6.67 3.75
CA GLU A 157 4.01 6.47 3.85
C GLU A 157 3.68 4.96 3.88
N ARG A 158 3.04 4.50 4.95
CA ARG A 158 2.56 3.13 4.97
C ARG A 158 1.26 3.14 4.16
N ALA A 159 1.26 2.40 3.06
CA ALA A 159 0.14 2.39 2.13
C ALA A 159 -0.82 1.23 2.36
N SER A 160 -0.32 0.14 2.95
CA SER A 160 -1.15 -0.99 3.38
C SER A 160 -0.31 -1.86 4.31
N ILE A 161 -0.83 -3.01 4.76
CA ILE A 161 -0.10 -3.77 5.77
C ILE A 161 1.33 -4.15 5.32
N ASP A 162 1.57 -4.33 4.03
CA ASP A 162 2.90 -4.73 3.59
C ASP A 162 3.59 -3.83 2.54
N GLU A 163 3.09 -2.59 2.40
CA GLU A 163 3.53 -1.66 1.36
C GLU A 163 3.93 -0.33 1.99
N VAL A 164 5.02 0.25 1.52
CA VAL A 164 5.39 1.62 1.85
C VAL A 164 5.85 2.36 0.62
N PHE A 165 5.63 3.67 0.62
CA PHE A 165 6.29 4.55 -0.29
C PHE A 165 7.37 5.29 0.48
N LEU A 166 8.52 5.50 -0.16
CA LEU A 166 9.60 6.32 0.35
C LEU A 166 9.88 7.46 -0.61
N ASP A 167 10.05 8.66 -0.07
CA ASP A 167 10.59 9.80 -0.85
C ASP A 167 12.09 9.85 -0.57
N LEU A 168 12.87 9.46 -1.57
CA LEU A 168 14.32 9.43 -1.46
C LEU A 168 15.05 10.74 -1.80
N GLY A 169 14.27 11.80 -1.98
CA GLY A 169 14.76 13.11 -2.36
C GLY A 169 15.95 13.63 -1.58
N ARG A 170 15.88 13.61 -0.26
CA ARG A 170 16.97 14.20 0.54
C ARG A 170 18.22 13.33 0.43
N ILE A 171 18.02 12.01 0.43
CA ILE A 171 19.13 11.10 0.33
C ILE A 171 19.84 11.26 -1.02
N CYS A 172 19.06 11.29 -2.10
CA CYS A 172 19.61 11.49 -3.45
C CYS A 172 20.30 12.84 -3.59
N PHE A 173 19.63 13.89 -3.13
CA PHE A 173 20.21 15.23 -3.21
C PHE A 173 21.53 15.27 -2.49
N ASN A 174 21.53 14.79 -1.26
CA ASN A 174 22.73 14.83 -0.43
C ASN A 174 23.87 14.00 -0.99
N MET A 175 23.56 12.84 -1.55
N MET A 175 23.58 12.83 -1.55
CA MET A 175 24.58 12.02 -2.20
CA MET A 175 24.60 12.03 -2.21
C MET A 175 25.16 12.73 -3.41
C MET A 175 25.18 12.77 -3.40
N LEU A 176 24.29 13.32 -4.23
CA LEU A 176 24.68 14.02 -5.42
C LEU A 176 25.63 15.17 -5.11
N MET A 177 25.34 15.91 -4.05
CA MET A 177 26.10 17.12 -3.75
C MET A 177 27.24 16.97 -2.76
N PHE A 178 27.12 16.07 -1.78
CA PHE A 178 28.05 16.05 -0.65
C PHE A 178 28.83 14.76 -0.46
N ASP A 179 28.45 13.68 -1.14
CA ASP A 179 29.10 12.39 -0.87
C ASP A 179 30.48 12.36 -1.53
N ASN A 180 31.51 12.29 -0.70
CA ASN A 180 32.88 12.33 -1.16
C ASN A 180 33.57 10.97 -1.15
N GLU A 181 32.85 9.94 -0.76
CA GLU A 181 33.38 8.57 -0.74
C GLU A 181 32.91 7.66 -1.88
N TYR A 182 31.70 7.90 -2.39
CA TYR A 182 31.12 7.01 -3.40
C TYR A 182 32.01 6.90 -4.61
N GLU A 183 32.34 5.67 -4.99
CA GLU A 183 33.15 5.39 -6.16
C GLU A 183 32.30 4.93 -7.34
N LEU A 184 32.57 5.48 -8.51
CA LEU A 184 31.88 5.05 -9.72
C LEU A 184 32.70 3.92 -10.29
N THR A 185 34.01 4.11 -10.40
CA THR A 185 34.92 3.03 -10.77
C THR A 185 36.16 3.08 -9.88
N GLY A 186 37.05 2.11 -10.06
CA GLY A 186 38.28 2.05 -9.28
C GLY A 186 39.16 3.26 -9.49
N ASP A 187 38.92 4.00 -10.57
CA ASP A 187 39.67 5.21 -10.86
C ASP A 187 38.88 6.51 -10.76
N LEU A 188 37.60 6.46 -10.41
CA LEU A 188 36.73 7.66 -10.52
C LEU A 188 35.72 7.74 -9.40
N LYS A 189 35.79 8.80 -8.61
CA LYS A 189 34.79 9.02 -7.57
C LYS A 189 33.64 9.91 -8.08
N LEU A 190 32.50 9.77 -7.43
CA LEU A 190 31.33 10.58 -7.73
C LEU A 190 31.67 12.07 -7.61
N LYS A 191 32.46 12.44 -6.58
CA LYS A 191 32.84 13.84 -6.38
C LYS A 191 33.62 14.44 -7.55
N ASP A 192 34.39 13.61 -8.24
CA ASP A 192 35.15 14.11 -9.39
C ASP A 192 34.31 14.15 -10.67
N ALA A 193 33.49 13.13 -10.85
CA ALA A 193 32.52 13.10 -11.94
C ALA A 193 31.63 14.34 -11.92
N LEU A 194 31.21 14.73 -10.73
CA LEU A 194 30.29 15.85 -10.57
C LEU A 194 30.95 17.17 -10.14
N SER A 195 32.20 17.37 -10.51
CA SER A 195 32.93 18.55 -10.08
C SER A 195 32.28 19.87 -10.57
N ASN A 196 31.74 19.90 -11.79
CA ASN A 196 31.10 21.13 -12.31
C ASN A 196 29.85 21.49 -11.50
N ILE A 197 28.94 20.55 -11.31
CA ILE A 197 27.68 20.87 -10.63
C ILE A 197 27.91 21.18 -9.16
N ARG A 198 28.86 20.49 -8.52
CA ARG A 198 29.17 20.77 -7.12
C ARG A 198 29.84 22.15 -6.95
N GLU A 199 30.73 22.50 -7.88
CA GLU A 199 31.34 23.80 -7.86
C GLU A 199 30.27 24.89 -7.94
N ALA A 200 29.30 24.70 -8.82
CA ALA A 200 28.22 25.68 -9.01
C ALA A 200 27.33 25.79 -7.80
N PHE A 201 27.01 24.65 -7.22
CA PHE A 201 26.15 24.60 -6.06
C PHE A 201 26.84 25.26 -4.85
N ILE A 202 28.06 24.84 -4.55
CA ILE A 202 28.80 25.44 -3.43
C ILE A 202 29.10 26.91 -3.67
N GLY A 203 29.44 27.24 -4.91
CA GLY A 203 29.74 28.61 -5.31
C GLY A 203 28.53 29.52 -5.15
N GLY A 204 27.36 28.92 -5.28
CA GLY A 204 26.11 29.58 -5.01
C GLY A 204 25.68 30.64 -6.00
N ASN A 205 26.21 30.61 -7.20
CA ASN A 205 26.00 31.72 -8.12
C ASN A 205 25.00 31.38 -9.25
N TYR A 206 24.15 30.38 -9.04
CA TYR A 206 23.13 29.96 -10.00
C TYR A 206 21.83 30.73 -9.75
N ASP A 207 21.04 30.85 -10.80
CA ASP A 207 19.67 31.37 -10.76
C ASP A 207 18.73 30.17 -10.68
N ILE A 208 17.82 30.19 -9.71
CA ILE A 208 16.98 29.05 -9.46
C ILE A 208 16.16 28.72 -10.69
N ASN A 209 15.84 29.70 -11.53
CA ASN A 209 15.02 29.41 -12.73
C ASN A 209 15.81 29.01 -13.97
N SER A 210 17.14 28.92 -13.87
CA SER A 210 17.98 28.51 -14.99
CA SER A 210 17.94 28.52 -15.01
C SER A 210 18.00 27.00 -15.11
N HIS A 211 18.16 26.51 -16.33
CA HIS A 211 18.37 25.10 -16.56
C HIS A 211 19.73 24.67 -16.06
N LEU A 212 19.79 23.43 -15.62
CA LEU A 212 21.06 22.81 -15.28
C LEU A 212 21.94 22.63 -16.53
N PRO A 213 23.25 22.56 -16.36
CA PRO A 213 24.14 22.20 -17.44
C PRO A 213 23.84 20.78 -17.95
N LEU A 214 24.15 20.48 -19.22
CA LEU A 214 24.07 19.09 -19.66
C LEU A 214 24.94 18.24 -18.73
N ILE A 215 24.51 17.01 -18.48
CA ILE A 215 25.29 16.12 -17.61
C ILE A 215 26.71 15.92 -18.15
N PRO A 216 27.71 15.81 -17.26
CA PRO A 216 29.06 15.49 -17.67
C PRO A 216 29.17 14.05 -18.20
N GLU A 217 30.05 13.82 -19.19
CA GLU A 217 30.22 12.45 -19.70
C GLU A 217 30.61 11.47 -18.60
N LYS A 218 31.41 11.93 -17.62
CA LYS A 218 31.89 11.02 -16.56
C LYS A 218 30.79 10.41 -15.69
N ILE A 219 29.65 11.07 -15.53
CA ILE A 219 28.60 10.51 -14.70
C ILE A 219 27.91 9.31 -15.38
N LYS A 220 28.13 9.10 -16.66
CA LYS A 220 27.55 7.93 -17.35
C LYS A 220 28.15 6.58 -16.85
N SER A 221 29.23 6.65 -16.06
CA SER A 221 29.79 5.47 -15.41
C SER A 221 28.98 5.05 -14.20
N LEU A 222 28.07 5.91 -13.72
CA LEU A 222 27.26 5.56 -12.58
C LEU A 222 26.34 4.40 -12.98
N LYS A 223 26.18 3.42 -12.09
CA LYS A 223 25.34 2.24 -12.37
C LYS A 223 24.02 2.34 -11.64
N PHE A 224 22.99 1.81 -12.29
CA PHE A 224 21.74 1.49 -11.64
C PHE A 224 21.91 0.15 -10.91
N GLU A 225 21.34 0.03 -9.71
CA GLU A 225 21.23 -1.23 -9.01
C GLU A 225 19.82 -1.75 -9.25
N GLY A 226 19.71 -2.92 -9.85
CA GLY A 226 18.41 -3.56 -10.07
C GLY A 226 18.13 -3.70 -11.55
N ASP A 227 16.87 -4.03 -11.87
CA ASP A 227 16.45 -4.25 -13.25
C ASP A 227 15.90 -2.99 -13.89
N VAL A 228 16.59 -2.46 -14.88
CA VAL A 228 16.16 -1.25 -15.53
C VAL A 228 15.19 -1.66 -16.65
N PHE A 229 13.92 -1.22 -16.57
CA PHE A 229 12.95 -1.57 -17.61
C PHE A 229 13.31 -0.81 -18.86
N ASN A 230 13.71 -1.53 -19.90
CA ASN A 230 14.34 -0.91 -21.07
C ASN A 230 14.26 -1.79 -22.32
N PRO A 231 13.05 -2.15 -22.74
CA PRO A 231 12.90 -3.01 -23.94
C PRO A 231 13.45 -2.39 -25.21
N GLU A 232 13.44 -1.06 -25.32
CA GLU A 232 13.95 -0.41 -26.52
C GLU A 232 15.45 -0.16 -26.46
N GLY A 233 16.12 -0.56 -25.40
CA GLY A 233 17.58 -0.39 -25.34
C GLY A 233 18.01 1.08 -25.35
N ARG A 234 17.26 1.93 -24.66
CA ARG A 234 17.62 3.36 -24.59
C ARG A 234 18.89 3.52 -23.73
N ASP A 235 19.61 4.60 -24.00
CA ASP A 235 20.81 4.99 -23.25
CA ASP A 235 20.81 5.00 -23.26
C ASP A 235 20.45 5.16 -21.79
N LEU A 236 21.26 4.59 -20.91
CA LEU A 236 20.87 4.52 -19.47
C LEU A 236 20.90 5.87 -18.72
N ILE A 237 21.95 6.64 -18.93
CA ILE A 237 22.11 7.92 -18.24
C ILE A 237 22.27 9.06 -19.26
N THR A 238 21.22 9.86 -19.42
CA THR A 238 21.21 10.92 -20.41
C THR A 238 20.85 12.30 -19.87
N ASP A 239 20.38 12.37 -18.63
CA ASP A 239 20.08 13.68 -18.01
C ASP A 239 20.06 13.47 -16.51
N TRP A 240 19.84 14.54 -15.77
CA TRP A 240 19.97 14.53 -14.34
C TRP A 240 18.93 13.67 -13.64
N ASP A 241 17.77 13.48 -14.25
CA ASP A 241 16.78 12.58 -13.68
C ASP A 241 17.33 11.16 -13.56
N ASP A 242 18.08 10.72 -14.56
CA ASP A 242 18.69 9.38 -14.57
C ASP A 242 19.75 9.27 -13.48
N VAL A 243 20.48 10.35 -13.28
CA VAL A 243 21.53 10.38 -12.25
C VAL A 243 20.88 10.21 -10.88
N ILE A 244 19.86 11.00 -10.60
CA ILE A 244 19.16 10.92 -9.31
C ILE A 244 18.55 9.53 -9.10
N LEU A 245 17.90 9.02 -10.14
CA LEU A 245 17.25 7.70 -10.06
C LEU A 245 18.28 6.57 -9.80
N ALA A 246 19.43 6.64 -10.46
CA ALA A 246 20.49 5.65 -10.26
C ALA A 246 21.03 5.67 -8.80
N LEU A 247 21.28 6.86 -8.28
CA LEU A 247 21.67 7.03 -6.88
C LEU A 247 20.61 6.49 -5.95
N GLY A 248 19.35 6.83 -6.23
CA GLY A 248 18.23 6.28 -5.49
C GLY A 248 18.16 4.76 -5.50
N SER A 249 18.46 4.15 -6.64
CA SER A 249 18.44 2.69 -6.73
C SER A 249 19.52 2.08 -5.82
N GLN A 250 20.65 2.73 -5.73
CA GLN A 250 21.71 2.29 -4.82
C GLN A 250 21.26 2.37 -3.37
N VAL A 251 20.63 3.46 -2.97
CA VAL A 251 20.12 3.64 -1.61
C VAL A 251 19.01 2.64 -1.27
N CYS A 252 18.06 2.47 -2.18
CA CYS A 252 16.95 1.59 -1.98
CA CYS A 252 16.94 1.56 -1.98
C CYS A 252 17.40 0.14 -1.73
N LYS A 253 18.41 -0.30 -2.46
CA LYS A 253 18.92 -1.66 -2.31
C LYS A 253 19.44 -1.82 -0.87
N GLY A 254 20.21 -0.85 -0.42
CA GLY A 254 20.71 -0.85 0.98
C GLY A 254 19.58 -0.90 2.02
N ILE A 255 18.51 -0.15 1.79
CA ILE A 255 17.33 -0.18 2.70
C ILE A 255 16.66 -1.55 2.67
N ARG A 256 16.45 -2.10 1.48
CA ARG A 256 15.86 -3.41 1.34
C ARG A 256 16.74 -4.51 1.96
N ASP A 257 18.07 -4.37 1.85
CA ASP A 257 18.96 -5.30 2.53
C ASP A 257 18.83 -5.22 4.07
N SER A 258 18.57 -4.02 4.60
CA SER A 258 18.37 -3.86 6.05
C SER A 258 17.12 -4.61 6.52
N ILE A 259 16.03 -4.50 5.76
CA ILE A 259 14.83 -5.28 6.01
C ILE A 259 15.14 -6.76 5.97
N LYS A 260 15.83 -7.20 4.93
CA LYS A 260 16.17 -8.61 4.81
C LYS A 260 17.09 -9.12 5.95
N ASP A 261 18.11 -8.35 6.31
CA ASP A 261 19.08 -8.80 7.30
C ASP A 261 18.53 -8.76 8.73
N ILE A 262 17.71 -7.74 9.03
CA ILE A 262 17.15 -7.58 10.36
C ILE A 262 15.88 -8.42 10.58
N LEU A 263 14.97 -8.42 9.61
CA LEU A 263 13.70 -9.13 9.79
C LEU A 263 13.61 -10.45 9.07
N GLY A 264 14.43 -10.64 8.04
CA GLY A 264 14.37 -11.83 7.22
C GLY A 264 13.50 -11.73 5.98
N TYR A 265 12.88 -10.58 5.69
CA TYR A 265 11.88 -10.53 4.61
C TYR A 265 12.46 -10.07 3.28
N THR A 266 12.08 -10.75 2.20
CA THR A 266 12.38 -10.29 0.87
C THR A 266 11.26 -9.36 0.41
N THR A 267 11.67 -8.41 -0.42
CA THR A 267 10.79 -7.39 -0.94
C THR A 267 10.96 -7.25 -2.45
N SER A 268 9.91 -6.79 -3.12
CA SER A 268 10.03 -6.20 -4.43
C SER A 268 9.81 -4.68 -4.34
N CYS A 269 10.42 -3.95 -5.27
CA CYS A 269 10.50 -2.50 -5.23
C CYS A 269 10.37 -1.93 -6.62
N GLY A 270 9.68 -0.80 -6.71
CA GLY A 270 9.61 -0.03 -7.92
C GLY A 270 10.14 1.36 -7.65
N LEU A 271 10.94 1.85 -8.59
CA LEU A 271 11.63 3.11 -8.47
C LEU A 271 11.33 3.92 -9.72
N SER A 272 10.81 5.13 -9.51
CA SER A 272 10.50 6.04 -10.58
C SER A 272 10.27 7.43 -10.00
N SER A 273 9.85 8.37 -10.85
CA SER A 273 9.55 9.72 -10.42
C SER A 273 8.15 9.89 -9.82
N THR A 274 7.32 8.85 -9.80
CA THR A 274 5.99 9.02 -9.24
C THR A 274 5.47 7.81 -8.49
N LYS A 275 4.59 8.07 -7.52
CA LYS A 275 3.99 7.00 -6.73
C LYS A 275 3.24 5.97 -7.61
N ASN A 276 2.46 6.45 -8.58
CA ASN A 276 1.67 5.52 -9.35
CA ASN A 276 1.66 5.55 -9.39
C ASN A 276 2.53 4.58 -10.18
N VAL A 277 3.57 5.10 -10.81
CA VAL A 277 4.48 4.24 -11.56
C VAL A 277 5.24 3.30 -10.64
N CYS A 278 5.73 3.80 -9.50
CA CYS A 278 6.42 2.93 -8.53
C CYS A 278 5.61 1.69 -8.13
N LYS A 279 4.32 1.89 -7.86
CA LYS A 279 3.43 0.83 -7.45
C LYS A 279 3.26 -0.24 -8.55
N LEU A 280 3.09 0.18 -9.79
CA LEU A 280 3.11 -0.77 -10.91
C LEU A 280 4.46 -1.50 -11.07
N ALA A 281 5.55 -0.75 -10.96
CA ALA A 281 6.87 -1.32 -11.12
C ALA A 281 7.22 -2.34 -10.01
N SER A 282 6.80 -2.11 -8.76
CA SER A 282 7.10 -3.06 -7.68
C SER A 282 6.45 -4.41 -7.91
N ASN A 283 5.35 -4.43 -8.65
CA ASN A 283 4.63 -5.66 -8.96
C ASN A 283 5.07 -6.31 -10.27
N TYR A 284 5.98 -5.68 -11.01
CA TYR A 284 6.45 -6.17 -12.30
C TYR A 284 7.30 -7.45 -12.19
N LYS A 285 8.15 -7.48 -11.19
CA LYS A 285 9.07 -8.60 -10.98
C LYS A 285 9.16 -8.97 -9.53
N LYS A 286 8.91 -10.25 -9.26
CA LYS A 286 8.91 -10.77 -7.91
C LYS A 286 9.41 -12.20 -7.96
N PRO A 287 10.06 -12.68 -6.88
CA PRO A 287 10.36 -12.00 -5.64
C PRO A 287 11.73 -11.32 -5.67
N ASP A 288 12.05 -10.57 -4.62
CA ASP A 288 13.42 -10.12 -4.35
C ASP A 288 14.03 -9.36 -5.55
N ALA A 289 13.32 -8.34 -6.01
CA ALA A 289 13.77 -7.59 -7.19
C ALA A 289 13.38 -6.12 -7.07
N GLN A 290 14.12 -5.29 -7.79
CA GLN A 290 13.93 -3.86 -7.88
CA GLN A 290 13.78 -3.87 -7.91
C GLN A 290 13.75 -3.50 -9.37
N THR A 291 12.58 -3.00 -9.78
CA THR A 291 12.36 -2.55 -11.14
C THR A 291 12.40 -1.02 -11.20
N ILE A 292 13.25 -0.51 -12.09
CA ILE A 292 13.49 0.92 -12.22
C ILE A 292 12.90 1.39 -13.54
N VAL A 293 12.06 2.41 -13.46
CA VAL A 293 11.43 2.96 -14.67
C VAL A 293 11.90 4.41 -14.86
N LYS A 294 12.84 4.58 -15.80
CA LYS A 294 13.34 5.88 -16.22
C LYS A 294 12.25 6.75 -16.83
N ASN A 295 12.37 8.06 -16.68
CA ASN A 295 11.39 8.93 -17.37
C ASN A 295 11.28 8.67 -18.86
N ASP A 296 12.41 8.45 -19.53
CA ASP A 296 12.38 8.17 -20.98
C ASP A 296 11.81 6.78 -21.34
N CYS A 297 11.60 5.91 -20.34
CA CYS A 297 10.99 4.61 -20.55
C CYS A 297 9.53 4.50 -20.04
N LEU A 298 8.96 5.61 -19.62
CA LEU A 298 7.62 5.60 -19.00
C LEU A 298 6.57 5.09 -19.97
N LEU A 299 6.62 5.55 -21.22
CA LEU A 299 5.60 5.15 -22.19
C LEU A 299 5.81 3.70 -22.59
N ASP A 300 7.07 3.28 -22.76
CA ASP A 300 7.42 1.87 -23.02
C ASP A 300 6.80 0.99 -21.93
N PHE A 301 6.96 1.39 -20.65
CA PHE A 301 6.42 0.64 -19.51
C PHE A 301 4.89 0.60 -19.44
N LEU A 302 4.29 1.79 -19.49
CA LEU A 302 2.84 1.89 -19.42
C LEU A 302 2.12 1.21 -20.60
N ASP A 303 2.76 1.14 -21.76
CA ASP A 303 2.17 0.56 -22.92
C ASP A 303 2.64 -0.89 -23.18
N CYS A 304 3.28 -1.54 -22.20
CA CYS A 304 3.83 -2.88 -22.43
C CYS A 304 2.75 -3.94 -22.64
N GLY A 305 1.51 -3.62 -22.27
CA GLY A 305 0.39 -4.51 -22.47
C GLY A 305 -0.15 -5.05 -21.16
N LYS A 306 0.57 -4.86 -20.06
CA LYS A 306 0.04 -5.30 -18.76
C LYS A 306 -1.01 -4.41 -18.15
N PHE A 307 -1.02 -3.15 -18.57
CA PHE A 307 -1.76 -2.12 -17.86
C PHE A 307 -2.86 -1.45 -18.71
N GLU A 308 -3.89 -1.01 -17.98
CA GLU A 308 -4.98 -0.23 -18.52
C GLU A 308 -5.19 0.96 -17.59
N ILE A 309 -6.07 1.88 -17.97
CA ILE A 309 -6.28 3.06 -17.11
C ILE A 309 -6.80 2.61 -15.73
N THR A 310 -7.52 1.50 -15.71
CA THR A 310 -8.08 0.98 -14.49
C THR A 310 -7.01 0.36 -13.58
N SER A 311 -5.78 0.22 -14.07
CA SER A 311 -4.69 -0.26 -13.25
C SER A 311 -4.23 0.75 -12.21
N PHE A 312 -4.58 2.03 -12.38
CA PHE A 312 -4.09 3.07 -11.49
C PHE A 312 -4.94 3.23 -10.23
N TRP A 313 -4.26 3.46 -9.10
CA TRP A 313 -4.93 3.74 -7.83
C TRP A 313 -6.01 4.81 -7.99
N THR A 314 -7.21 4.47 -7.50
CA THR A 314 -8.46 5.26 -7.54
C THR A 314 -9.33 4.94 -8.74
N LEU A 315 -8.77 4.24 -9.74
CA LEU A 315 -9.46 3.99 -10.98
C LEU A 315 -9.84 2.53 -11.17
N GLY A 316 -9.64 1.71 -10.13
CA GLY A 316 -9.96 0.29 -10.23
C GLY A 316 -11.37 -0.13 -9.93
N GLY A 317 -12.28 0.82 -9.69
CA GLY A 317 -13.65 0.52 -9.33
C GLY A 317 -14.65 1.21 -10.24
N VAL A 318 -15.68 1.76 -9.62
CA VAL A 318 -16.82 2.34 -10.31
C VAL A 318 -16.49 3.60 -11.11
N LEU A 319 -15.69 4.49 -10.55
CA LEU A 319 -15.22 5.67 -11.26
C LEU A 319 -14.47 5.29 -12.53
N GLY A 320 -13.54 4.34 -12.42
CA GLY A 320 -12.81 3.86 -13.60
C GLY A 320 -13.74 3.34 -14.68
N LYS A 321 -14.76 2.59 -14.30
CA LYS A 321 -15.73 2.07 -15.28
C LYS A 321 -16.57 3.18 -15.91
N GLU A 322 -16.97 4.15 -15.12
CA GLU A 322 -17.67 5.30 -15.68
C GLU A 322 -16.78 6.05 -16.73
N LEU A 323 -15.50 6.21 -16.41
CA LEU A 323 -14.57 6.88 -17.34
C LEU A 323 -14.43 6.10 -18.62
N ILE A 324 -14.38 4.78 -18.52
CA ILE A 324 -14.32 3.97 -19.74
C ILE A 324 -15.52 4.30 -20.66
N ASP A 325 -16.70 4.47 -20.06
N ASP A 325 -16.70 4.46 -20.07
CA ASP A 325 -17.92 4.82 -20.79
CA ASP A 325 -17.90 4.79 -20.85
C ASP A 325 -17.88 6.26 -21.30
C ASP A 325 -17.89 6.27 -21.31
N VAL A 326 -17.69 7.20 -20.37
CA VAL A 326 -17.70 8.64 -20.69
C VAL A 326 -16.65 9.02 -21.76
N LEU A 327 -15.44 8.46 -21.66
CA LEU A 327 -14.38 8.79 -22.60
C LEU A 327 -14.30 7.85 -23.82
N ASP A 328 -15.23 6.90 -23.91
CA ASP A 328 -15.26 5.95 -25.02
C ASP A 328 -13.92 5.24 -25.17
N LEU A 329 -13.39 4.74 -24.07
CA LEU A 329 -12.07 4.10 -24.08
C LEU A 329 -12.16 2.68 -24.64
N PRO A 330 -11.12 2.24 -25.37
CA PRO A 330 -11.17 0.86 -25.86
C PRO A 330 -10.88 -0.13 -24.73
N HIS A 331 -11.15 -1.40 -25.00
CA HIS A 331 -11.02 -2.44 -23.97
C HIS A 331 -9.57 -2.78 -23.69
N GLU A 332 -8.67 -2.51 -24.65
CA GLU A 332 -7.23 -2.67 -24.44
C GLU A 332 -6.49 -1.43 -24.94
N ASN A 333 -5.31 -1.21 -24.41
CA ASN A 333 -4.46 -0.07 -24.77
C ASN A 333 -5.16 1.27 -24.51
N SER A 334 -5.93 1.31 -23.43
CA SER A 334 -6.64 2.51 -23.00
C SER A 334 -5.71 3.64 -22.58
N ILE A 335 -4.54 3.29 -22.03
CA ILE A 335 -3.61 4.33 -21.60
C ILE A 335 -3.09 5.11 -22.80
N LYS A 336 -2.57 4.40 -23.79
CA LYS A 336 -2.15 5.01 -25.04
C LYS A 336 -3.28 5.76 -25.73
N HIS A 337 -4.49 5.22 -25.65
CA HIS A 337 -5.64 5.88 -26.25
C HIS A 337 -5.86 7.28 -25.64
N ILE A 338 -5.82 7.36 -24.33
CA ILE A 338 -6.00 8.65 -23.62
C ILE A 338 -4.91 9.63 -24.04
N ARG A 339 -3.68 9.14 -24.12
CA ARG A 339 -2.53 9.95 -24.48
C ARG A 339 -2.63 10.51 -25.88
N GLU A 340 -3.04 9.66 -26.83
CA GLU A 340 -3.06 10.04 -28.25
C GLU A 340 -4.34 10.78 -28.65
N THR A 341 -5.46 10.54 -27.95
CA THR A 341 -6.70 11.24 -28.26
C THR A 341 -6.67 12.70 -27.79
N TRP A 342 -5.97 12.98 -26.69
CA TRP A 342 -5.80 14.38 -26.15
C TRP A 342 -4.32 14.61 -26.02
N PRO A 343 -3.64 14.82 -27.16
CA PRO A 343 -2.17 14.68 -27.19
C PRO A 343 -1.38 15.90 -26.68
N ASP A 344 -1.99 17.09 -26.63
CA ASP A 344 -1.19 18.30 -26.40
C ASP A 344 -1.23 18.82 -24.98
N ASN A 345 -2.43 18.90 -24.42
CA ASN A 345 -2.60 19.40 -23.07
C ASN A 345 -3.90 18.91 -22.44
N ALA A 346 -3.99 19.03 -21.12
CA ALA A 346 -5.12 18.51 -20.36
C ALA A 346 -6.40 19.30 -20.62
N GLY A 347 -6.28 20.54 -21.05
CA GLY A 347 -7.41 21.39 -21.47
C GLY A 347 -8.23 20.75 -22.58
N GLN A 348 -7.58 19.94 -23.43
CA GLN A 348 -8.27 19.21 -24.52
C GLN A 348 -9.23 18.20 -23.92
N LEU A 349 -8.73 17.44 -22.96
CA LEU A 349 -9.56 16.51 -22.23
C LEU A 349 -10.61 17.20 -21.35
N LYS A 350 -10.26 18.30 -20.71
CA LYS A 350 -11.24 19.02 -19.89
C LYS A 350 -12.46 19.51 -20.71
N GLU A 351 -12.19 19.98 -21.93
CA GLU A 351 -13.24 20.47 -22.83
C GLU A 351 -14.21 19.33 -23.16
N PHE A 352 -13.63 18.16 -23.43
CA PHE A 352 -14.38 16.95 -23.74
C PHE A 352 -15.24 16.55 -22.53
N LEU A 353 -14.64 16.56 -21.35
CA LEU A 353 -15.39 16.22 -20.12
C LEU A 353 -16.49 17.20 -19.79
N ASP A 354 -16.22 18.49 -19.88
CA ASP A 354 -17.23 19.51 -19.61
C ASP A 354 -18.46 19.33 -20.50
N ALA A 355 -18.26 19.00 -21.77
CA ALA A 355 -19.38 18.76 -22.69
C ALA A 355 -20.21 17.55 -22.25
N LYS A 356 -19.55 16.46 -21.87
CA LYS A 356 -20.25 15.26 -21.41
C LYS A 356 -21.08 15.51 -20.17
N VAL A 357 -20.54 16.23 -19.18
CA VAL A 357 -21.26 16.49 -17.94
C VAL A 357 -22.27 17.65 -18.02
N LYS A 358 -22.13 18.53 -19.00
CA LYS A 358 -23.10 19.62 -19.15
C LYS A 358 -24.42 19.15 -19.75
N GLN A 359 -24.42 17.93 -20.29
N GLN A 359 -24.44 17.95 -20.33
CA GLN A 359 -25.63 17.35 -20.86
CA GLN A 359 -25.65 17.46 -20.95
C GLN A 359 -26.72 17.23 -19.80
C GLN A 359 -26.72 17.16 -19.90
N SER A 360 -27.93 17.69 -20.13
CA SER A 360 -29.10 17.44 -19.27
C SER A 360 -29.32 15.95 -19.05
N ASP A 361 -28.95 15.16 -20.07
CA ASP A 361 -28.74 13.70 -20.05
C ASP A 361 -27.88 13.14 -18.91
N TYR A 362 -26.87 13.89 -18.44
CA TYR A 362 -25.91 13.35 -17.46
C TYR A 362 -26.51 13.36 -16.06
N ASP A 363 -26.07 12.35 -15.32
N ASP A 363 -26.40 12.22 -15.35
CA ASP A 363 -26.67 11.91 -14.12
CA ASP A 363 -27.01 12.08 -14.00
C ASP A 363 -25.82 12.27 -12.90
C ASP A 363 -25.95 12.29 -12.93
N ARG A 364 -25.95 13.50 -12.38
CA ARG A 364 -25.06 13.94 -11.31
C ARG A 364 -25.20 13.16 -10.00
N SER A 365 -26.41 12.66 -9.72
CA SER A 365 -26.67 11.91 -8.48
CA SER A 365 -26.66 11.92 -8.48
C SER A 365 -26.05 10.51 -8.48
N THR A 366 -25.96 9.89 -9.66
CA THR A 366 -25.35 8.56 -9.78
C THR A 366 -23.86 8.59 -10.21
N SER A 367 -23.41 9.70 -10.80
CA SER A 367 -22.03 9.81 -11.30
C SER A 367 -21.01 9.96 -10.18
N ASN A 368 -19.80 9.45 -10.41
CA ASN A 368 -18.70 9.70 -9.49
C ASN A 368 -17.75 10.78 -9.99
N ILE A 369 -18.10 11.42 -11.11
CA ILE A 369 -17.33 12.54 -11.60
C ILE A 369 -17.92 13.81 -11.01
N ASP A 370 -17.08 14.63 -10.38
CA ASP A 370 -17.48 15.94 -9.87
C ASP A 370 -17.43 16.98 -11.01
N PRO A 371 -18.59 17.49 -11.42
CA PRO A 371 -18.65 18.40 -12.55
C PRO A 371 -17.97 19.74 -12.28
N LEU A 372 -17.75 20.08 -11.01
CA LEU A 372 -16.99 21.28 -10.67
C LEU A 372 -15.48 21.03 -10.64
N LYS A 373 -15.06 19.79 -10.73
CA LYS A 373 -13.65 19.49 -10.62
C LYS A 373 -13.11 18.76 -11.86
N THR A 374 -13.61 19.14 -13.04
CA THR A 374 -13.15 18.54 -14.27
C THR A 374 -11.73 18.95 -14.67
N ALA A 375 -11.28 20.15 -14.31
CA ALA A 375 -9.86 20.53 -14.48
C ALA A 375 -8.91 19.55 -13.79
N ASP A 376 -9.24 19.19 -12.55
CA ASP A 376 -8.42 18.27 -11.78
C ASP A 376 -8.44 16.87 -12.37
N LEU A 377 -9.62 16.41 -12.80
CA LEU A 377 -9.73 15.08 -13.39
C LEU A 377 -8.96 14.98 -14.72
N ALA A 378 -9.12 15.99 -15.56
CA ALA A 378 -8.46 16.03 -16.85
C ALA A 378 -6.93 16.00 -16.67
N GLU A 379 -6.40 16.83 -15.78
CA GLU A 379 -4.98 16.87 -15.49
C GLU A 379 -4.48 15.52 -14.97
N LYS A 380 -5.26 14.90 -14.09
CA LYS A 380 -4.91 13.63 -13.50
C LYS A 380 -4.81 12.51 -14.57
N LEU A 381 -5.81 12.41 -15.43
CA LEU A 381 -5.79 11.44 -16.51
C LEU A 381 -4.72 11.75 -17.55
N PHE A 382 -4.54 13.02 -17.88
CA PHE A 382 -3.52 13.45 -18.83
C PHE A 382 -2.11 13.03 -18.33
N LYS A 383 -1.84 13.32 -17.07
CA LYS A 383 -0.53 13.03 -16.52
C LYS A 383 -0.33 11.54 -16.21
N LEU A 384 -1.36 10.87 -15.70
CA LEU A 384 -1.25 9.43 -15.41
C LEU A 384 -0.91 8.67 -16.68
N SER A 385 -1.52 9.08 -17.81
CA SER A 385 -1.31 8.38 -19.07
C SER A 385 0.10 8.55 -19.60
N ARG A 386 0.85 9.50 -19.02
CA ARG A 386 2.23 9.77 -19.38
C ARG A 386 3.22 9.36 -18.28
N GLY A 387 2.71 8.84 -17.17
CA GLY A 387 3.58 8.47 -16.06
C GLY A 387 4.14 9.63 -15.27
N ARG A 388 3.44 10.75 -15.26
CA ARG A 388 3.96 12.00 -14.71
C ARG A 388 3.01 12.62 -13.67
N TYR A 389 2.12 11.83 -13.10
CA TYR A 389 1.18 12.35 -12.11
C TYR A 389 1.78 12.21 -10.71
N GLY A 390 2.34 13.29 -10.18
CA GLY A 390 2.98 13.31 -8.86
C GLY A 390 2.00 13.56 -7.72
N LEU A 391 1.89 12.60 -6.82
CA LEU A 391 1.08 12.70 -5.63
C LEU A 391 2.01 12.76 -4.42
N PRO A 392 1.65 13.56 -3.39
CA PRO A 392 2.52 13.60 -2.22
C PRO A 392 2.40 12.32 -1.37
N LEU A 393 3.42 12.06 -0.59
CA LEU A 393 3.41 11.00 0.41
C LEU A 393 2.74 11.56 1.68
N SER A 394 1.85 10.80 2.33
CA SER A 394 1.16 11.32 3.55
C SER A 394 1.89 11.18 4.87
N SER A 395 2.44 10.02 5.18
CA SER A 395 2.95 9.76 6.58
C SER A 395 1.84 9.89 7.65
N ARG A 396 1.47 8.74 8.18
CA ARG A 396 0.20 8.61 8.88
C ARG A 396 0.41 8.64 10.39
N PRO A 397 -0.66 8.94 11.15
CA PRO A 397 -0.57 8.84 12.61
C PRO A 397 -0.37 7.37 13.00
N VAL A 398 -0.12 7.13 14.28
CA VAL A 398 0.15 5.77 14.73
C VAL A 398 -1.01 4.85 14.35
N VAL A 399 -2.23 5.36 14.46
CA VAL A 399 -3.40 4.63 14.06
C VAL A 399 -4.49 5.62 13.72
N LYS A 400 -5.39 5.23 12.83
CA LYS A 400 -6.54 6.01 12.46
C LYS A 400 -7.87 5.32 12.80
N SER A 401 -7.94 4.02 12.51
CA SER A 401 -9.11 3.22 12.85
C SER A 401 -8.68 1.79 13.11
N MET A 402 -9.56 1.08 13.80
CA MET A 402 -9.29 -0.27 14.21
C MET A 402 -10.60 -1.08 14.23
N MET A 403 -10.61 -2.19 13.49
CA MET A 403 -11.79 -3.03 13.27
C MET A 403 -11.55 -4.46 13.76
N SER A 404 -12.62 -5.03 14.33
CA SER A 404 -12.65 -6.44 14.68
C SER A 404 -13.94 -7.00 14.07
N ASN A 405 -13.80 -8.03 13.24
CA ASN A 405 -14.87 -8.53 12.40
C ASN A 405 -15.05 -10.04 12.46
N LYS A 406 -16.30 -10.49 12.46
CA LYS A 406 -16.60 -11.91 12.32
C LYS A 406 -17.79 -12.13 11.41
N ASN A 407 -17.54 -12.70 10.23
CA ASN A 407 -18.60 -13.28 9.40
C ASN A 407 -19.06 -14.58 10.05
N LEU A 408 -20.38 -14.76 10.15
CA LEU A 408 -20.96 -15.78 11.00
C LEU A 408 -21.64 -16.87 10.17
N ARG A 409 -21.38 -18.12 10.49
CA ARG A 409 -21.95 -19.25 9.75
C ARG A 409 -23.01 -19.96 10.58
N GLY A 410 -24.00 -20.55 9.91
CA GLY A 410 -25.07 -21.32 10.59
C GLY A 410 -25.81 -20.46 11.61
N LYS A 411 -25.98 -21.00 12.82
CA LYS A 411 -26.67 -20.29 13.91
C LYS A 411 -25.70 -19.78 14.99
N SER A 412 -24.43 -19.55 14.65
CA SER A 412 -23.43 -19.14 15.66
C SER A 412 -23.65 -17.73 16.25
N CYS A 413 -24.58 -16.96 15.64
CA CYS A 413 -25.10 -15.72 16.24
C CYS A 413 -26.63 -15.62 16.09
N ASN A 414 -27.33 -16.34 16.96
CA ASN A 414 -28.76 -16.55 16.82
C ASN A 414 -29.62 -15.76 17.80
N SER A 415 -29.01 -14.87 18.56
CA SER A 415 -29.75 -14.04 19.51
C SER A 415 -28.83 -12.94 19.99
N ILE A 416 -29.40 -12.01 20.74
CA ILE A 416 -28.62 -10.96 21.37
C ILE A 416 -27.54 -11.49 22.31
N VAL A 417 -27.76 -12.66 22.94
CA VAL A 417 -26.74 -13.14 23.87
C VAL A 417 -25.50 -13.58 23.09
N ASP A 418 -25.72 -14.18 21.92
CA ASP A 418 -24.61 -14.54 21.03
C ASP A 418 -23.89 -13.30 20.54
N CYS A 419 -24.62 -12.26 20.15
CA CYS A 419 -23.98 -11.00 19.72
C CYS A 419 -23.02 -10.49 20.77
N ILE A 420 -23.45 -10.51 22.02
CA ILE A 420 -22.68 -9.94 23.10
C ILE A 420 -21.45 -10.78 23.37
N SER A 421 -21.57 -12.10 23.21
CA SER A 421 -20.44 -13.02 23.35
CA SER A 421 -20.43 -13.00 23.36
C SER A 421 -19.33 -12.65 22.35
N TRP A 422 -19.71 -12.36 21.12
CA TRP A 422 -18.74 -11.95 20.10
C TRP A 422 -18.19 -10.56 20.39
N LEU A 423 -19.05 -9.63 20.83
CA LEU A 423 -18.59 -8.28 21.20
C LEU A 423 -17.53 -8.36 22.30
N GLU A 424 -17.67 -9.29 23.23
CA GLU A 424 -16.65 -9.48 24.27
C GLU A 424 -15.30 -9.86 23.70
N VAL A 425 -15.28 -10.70 22.66
CA VAL A 425 -14.03 -11.01 21.97
C VAL A 425 -13.47 -9.73 21.29
N PHE A 426 -14.31 -9.03 20.53
CA PHE A 426 -13.90 -7.82 19.85
C PHE A 426 -13.27 -6.81 20.81
N CYS A 427 -13.93 -6.58 21.95
CA CYS A 427 -13.43 -5.63 22.92
C CYS A 427 -12.10 -6.04 23.55
N ALA A 428 -11.94 -7.33 23.85
CA ALA A 428 -10.65 -7.85 24.33
C ALA A 428 -9.54 -7.60 23.29
N GLU A 429 -9.87 -7.88 22.01
CA GLU A 429 -8.89 -7.77 20.93
C GLU A 429 -8.47 -6.31 20.72
N LEU A 430 -9.45 -5.42 20.61
CA LEU A 430 -9.16 -4.00 20.39
C LEU A 430 -8.35 -3.40 21.55
N THR A 431 -8.70 -3.74 22.79
CA THR A 431 -8.01 -3.21 23.97
C THR A 431 -6.56 -3.65 24.03
N SER A 432 -6.30 -4.90 23.65
CA SER A 432 -4.95 -5.43 23.56
CA SER A 432 -4.93 -5.40 23.56
C SER A 432 -4.13 -4.70 22.47
N ARG A 433 -4.78 -4.42 21.35
CA ARG A 433 -4.10 -3.72 20.25
C ARG A 433 -3.74 -2.30 20.70
N ILE A 434 -4.66 -1.62 21.39
CA ILE A 434 -4.43 -0.28 21.87
C ILE A 434 -3.28 -0.26 22.89
N GLN A 435 -3.30 -1.20 23.82
CA GLN A 435 -2.25 -1.27 24.82
C GLN A 435 -0.87 -1.45 24.15
N ASP A 436 -0.77 -2.34 23.17
CA ASP A 436 0.49 -2.58 22.46
C ASP A 436 0.99 -1.30 21.75
N LEU A 437 0.09 -0.56 21.11
CA LEU A 437 0.47 0.71 20.47
C LEU A 437 1.00 1.72 21.49
N GLU A 438 0.32 1.83 22.65
CA GLU A 438 0.75 2.74 23.70
C GLU A 438 2.16 2.44 24.21
N GLN A 439 2.48 1.16 24.40
CA GLN A 439 3.83 0.75 24.83
C GLN A 439 4.86 0.94 23.75
N GLU A 440 4.51 0.63 22.51
CA GLU A 440 5.48 0.64 21.42
C GLU A 440 5.86 2.05 21.01
N TYR A 441 4.88 2.97 21.03
CA TYR A 441 5.11 4.32 20.54
C TYR A 441 5.13 5.38 21.62
N ASN A 442 4.96 4.99 22.89
CA ASN A 442 4.97 5.92 24.04
C ASN A 442 3.87 7.00 23.90
N LYS A 443 2.63 6.55 23.70
CA LYS A 443 1.50 7.45 23.51
C LYS A 443 0.34 7.05 24.42
N ILE A 444 -0.62 7.95 24.54
CA ILE A 444 -1.93 7.60 25.06
C ILE A 444 -2.84 7.58 23.84
N VAL A 445 -3.53 6.45 23.66
CA VAL A 445 -4.35 6.19 22.50
C VAL A 445 -5.80 6.00 22.97
N ILE A 446 -6.64 6.98 22.64
CA ILE A 446 -7.97 7.12 23.20
C ILE A 446 -9.03 7.00 22.12
N PRO A 447 -9.79 5.89 22.14
CA PRO A 447 -10.94 5.75 21.28
C PRO A 447 -11.99 6.81 21.60
N ARG A 448 -12.53 7.45 20.57
CA ARG A 448 -13.54 8.51 20.70
C ARG A 448 -14.90 8.11 20.13
N THR A 449 -14.88 7.33 19.05
CA THR A 449 -16.09 6.97 18.31
C THR A 449 -16.02 5.48 17.95
N VAL A 450 -17.15 4.79 18.08
CA VAL A 450 -17.29 3.39 17.77
C VAL A 450 -18.44 3.18 16.80
N SER A 451 -18.27 2.22 15.88
CA SER A 451 -19.32 1.86 14.95
C SER A 451 -19.56 0.35 15.03
N ILE A 452 -20.82 -0.04 15.18
CA ILE A 452 -21.20 -1.43 15.05
C ILE A 452 -21.87 -1.57 13.70
N SER A 453 -21.45 -2.60 12.98
CA SER A 453 -22.07 -2.93 11.71
C SER A 453 -22.40 -4.43 11.70
N LEU A 454 -23.56 -4.79 11.18
CA LEU A 454 -23.96 -6.18 11.16
C LEU A 454 -24.79 -6.48 9.92
N LYS A 455 -24.85 -7.76 9.56
CA LYS A 455 -25.69 -8.24 8.49
C LYS A 455 -26.62 -9.34 8.98
N THR A 456 -27.90 -9.25 8.60
CA THR A 456 -28.92 -10.21 9.00
C THR A 456 -28.82 -11.50 8.19
N LYS A 457 -29.70 -12.45 8.50
CA LYS A 457 -29.81 -13.69 7.71
C LYS A 457 -30.12 -13.41 6.23
N SER A 458 -30.79 -12.29 5.95
CA SER A 458 -31.10 -11.89 4.57
C SER A 458 -30.06 -10.94 3.99
N TYR A 459 -28.93 -10.80 4.69
CA TYR A 459 -27.81 -9.96 4.23
C TYR A 459 -28.09 -8.46 4.23
N GLU A 460 -29.16 -8.04 4.90
CA GLU A 460 -29.42 -6.60 5.09
C GLU A 460 -28.44 -6.00 6.13
N VAL A 461 -27.88 -4.84 5.82
CA VAL A 461 -26.91 -4.16 6.69
C VAL A 461 -27.60 -3.26 7.69
N TYR A 462 -27.18 -3.35 8.96
CA TYR A 462 -27.60 -2.42 10.01
C TYR A 462 -26.35 -1.83 10.65
N ARG A 463 -26.32 -0.51 10.83
CA ARG A 463 -25.17 0.20 11.37
C ARG A 463 -25.59 1.15 12.46
N LYS A 464 -24.70 1.37 13.42
CA LYS A 464 -24.87 2.46 14.36
C LYS A 464 -23.50 2.91 14.84
N SER A 465 -23.26 4.23 14.89
CA SER A 465 -22.05 4.74 15.49
C SER A 465 -22.33 5.88 16.46
N GLY A 466 -21.39 6.11 17.36
CA GLY A 466 -21.50 7.20 18.34
C GLY A 466 -20.30 7.26 19.27
N PRO A 467 -20.35 8.19 20.23
CA PRO A 467 -19.19 8.36 21.08
C PRO A 467 -18.98 7.19 22.06
N VAL A 468 -17.73 6.99 22.42
CA VAL A 468 -17.36 6.10 23.52
C VAL A 468 -16.65 6.97 24.57
N ALA A 469 -16.94 6.71 25.84
CA ALA A 469 -16.29 7.41 26.95
C ALA A 469 -14.88 6.87 27.18
N TYR A 470 -14.04 7.66 27.84
CA TYR A 470 -12.67 7.25 28.15
C TYR A 470 -12.43 7.32 29.66
N LYS A 471 -11.86 6.25 30.21
CA LYS A 471 -11.56 6.15 31.65
C LYS A 471 -10.20 5.51 31.93
N GLY A 472 -9.33 5.49 30.93
CA GLY A 472 -8.03 4.84 31.04
C GLY A 472 -8.01 3.45 30.45
N ILE A 473 -6.80 2.94 30.25
CA ILE A 473 -6.60 1.65 29.59
C ILE A 473 -7.21 0.48 30.39
N ASN A 474 -7.19 0.59 31.72
CA ASN A 474 -7.70 -0.49 32.59
C ASN A 474 -9.22 -0.64 32.55
N PHE A 475 -9.92 0.32 31.96
CA PHE A 475 -11.38 0.28 31.81
C PHE A 475 -11.80 0.35 30.34
N GLN A 476 -10.83 0.26 29.43
CA GLN A 476 -11.10 0.51 28.03
C GLN A 476 -12.05 -0.53 27.45
N SER A 477 -11.79 -1.79 27.77
CA SER A 477 -12.59 -2.89 27.25
C SER A 477 -14.06 -2.74 27.70
N HIS A 478 -14.24 -2.40 28.97
CA HIS A 478 -15.58 -2.13 29.54
C HIS A 478 -16.29 -0.99 28.82
N GLU A 479 -15.57 0.11 28.60
CA GLU A 479 -16.14 1.27 27.92
C GLU A 479 -16.58 0.96 26.50
N LEU A 480 -15.78 0.15 25.80
CA LEU A 480 -16.13 -0.28 24.45
C LEU A 480 -17.36 -1.21 24.46
N LEU A 481 -17.41 -2.11 25.43
CA LEU A 481 -18.50 -3.10 25.50
C LEU A 481 -19.82 -2.43 25.82
N LYS A 482 -19.80 -1.49 26.76
CA LYS A 482 -20.97 -0.66 27.07
C LYS A 482 -21.64 -0.11 25.82
N VAL A 483 -20.85 0.50 24.94
CA VAL A 483 -21.43 1.09 23.72
C VAL A 483 -21.85 0.01 22.74
N GLY A 484 -21.04 -1.03 22.61
CA GLY A 484 -21.39 -2.15 21.74
C GLY A 484 -22.74 -2.76 22.09
N ILE A 485 -22.98 -2.96 23.38
CA ILE A 485 -24.22 -3.60 23.84
C ILE A 485 -25.40 -2.66 23.56
N LYS A 486 -25.19 -1.37 23.80
CA LYS A 486 -26.22 -0.38 23.55
C LYS A 486 -26.62 -0.42 22.07
N PHE A 487 -25.62 -0.37 21.20
CA PHE A 487 -25.84 -0.38 19.76
C PHE A 487 -26.46 -1.69 19.26
N VAL A 488 -25.98 -2.86 19.71
CA VAL A 488 -26.60 -4.11 19.22
C VAL A 488 -28.05 -4.26 19.66
N THR A 489 -28.40 -3.80 20.86
CA THR A 489 -29.79 -3.89 21.32
C THR A 489 -30.67 -2.84 20.57
N ASP A 490 -30.11 -1.66 20.29
CA ASP A 490 -30.79 -0.63 19.47
CA ASP A 490 -30.80 -0.65 19.48
C ASP A 490 -31.14 -1.23 18.10
N LEU A 491 -30.17 -1.89 17.49
CA LEU A 491 -30.38 -2.44 16.15
C LEU A 491 -31.35 -3.62 16.16
N ASP A 492 -31.28 -4.44 17.22
CA ASP A 492 -32.25 -5.51 17.41
C ASP A 492 -33.69 -4.96 17.39
N ILE A 493 -33.92 -3.84 18.08
CA ILE A 493 -35.23 -3.20 18.04
C ILE A 493 -35.55 -2.74 16.60
N LYS A 494 -34.58 -2.12 15.93
CA LYS A 494 -34.79 -1.66 14.56
C LYS A 494 -35.12 -2.81 13.61
N GLY A 495 -34.65 -4.02 13.92
CA GLY A 495 -34.94 -5.21 13.11
C GLY A 495 -36.22 -5.96 13.44
N LYS A 496 -37.00 -5.45 14.38
CA LYS A 496 -38.24 -6.11 14.84
C LYS A 496 -39.19 -6.34 13.66
N ASN A 497 -39.81 -7.52 13.61
CA ASN A 497 -40.74 -7.91 12.52
C ASN A 497 -40.08 -8.09 11.15
N LYS A 498 -38.75 -8.04 11.10
CA LYS A 498 -38.01 -8.18 9.86
C LYS A 498 -37.10 -9.39 9.97
N SER A 499 -36.62 -9.87 8.84
CA SER A 499 -35.65 -10.96 8.82
C SER A 499 -34.35 -10.48 9.49
N TYR A 500 -33.92 -11.16 10.54
CA TYR A 500 -32.80 -10.69 11.37
C TYR A 500 -31.87 -11.83 11.80
N TYR A 501 -32.13 -12.47 12.94
CA TYR A 501 -31.33 -13.62 13.37
C TYR A 501 -31.64 -14.83 12.47
N PRO A 502 -30.64 -15.71 12.27
CA PRO A 502 -29.26 -15.57 12.76
C PRO A 502 -28.47 -14.59 11.90
N LEU A 503 -27.55 -13.85 12.51
CA LEU A 503 -26.78 -12.87 11.77
C LEU A 503 -25.77 -13.55 10.86
N THR A 504 -25.37 -12.86 9.80
CA THR A 504 -24.32 -13.38 8.93
C THR A 504 -22.99 -12.63 9.11
N LYS A 505 -23.01 -11.51 9.82
CA LYS A 505 -21.79 -10.72 10.09
C LYS A 505 -22.03 -9.75 11.23
N LEU A 506 -21.00 -9.58 12.05
CA LEU A 506 -20.99 -8.59 13.13
C LEU A 506 -19.58 -8.04 13.17
N SER A 507 -19.44 -6.72 13.31
CA SER A 507 -18.13 -6.09 13.46
C SER A 507 -18.24 -4.86 14.34
N MET A 508 -17.13 -4.55 15.02
CA MET A 508 -16.95 -3.33 15.78
C MET A 508 -15.70 -2.59 15.27
N THR A 509 -15.84 -1.29 15.03
CA THR A 509 -14.73 -0.46 14.53
C THR A 509 -14.62 0.79 15.39
N ILE A 510 -13.42 1.04 15.91
CA ILE A 510 -13.11 2.32 16.52
C ILE A 510 -12.70 3.22 15.36
N THR A 511 -13.53 4.20 15.03
CA THR A 511 -13.38 4.95 13.78
C THR A 511 -12.66 6.27 13.96
N ASN A 512 -12.50 6.72 15.21
CA ASN A 512 -11.81 7.99 15.53
C ASN A 512 -11.08 7.79 16.85
N PHE A 513 -9.81 8.21 16.89
CA PHE A 513 -8.95 8.12 18.08
C PHE A 513 -8.38 9.51 18.41
N ASP A 514 -8.13 9.80 19.69
CA ASP A 514 -7.20 10.88 20.05
C ASP A 514 -5.85 10.25 20.40
N ILE A 515 -4.76 10.90 19.97
CA ILE A 515 -3.42 10.38 20.24
C ILE A 515 -2.58 11.43 20.98
N ILE A 516 -2.12 11.10 22.17
CA ILE A 516 -1.38 12.03 23.03
C ILE A 516 0.09 11.62 23.09
N ASP A 517 0.96 12.56 22.76
CA ASP A 517 2.38 12.36 22.85
C ASP A 517 2.85 12.46 24.28
N LEU A 518 3.78 11.59 24.67
CA LEU A 518 4.37 11.64 26.00
C LEU A 518 5.86 11.92 25.87
N GLN A 519 6.50 12.24 26.99
CA GLN A 519 7.94 12.51 27.04
C GLN A 519 8.26 13.81 26.33
P 8OG B 6 -13.87 -13.45 8.92
OP1 8OG B 6 -13.42 -14.49 9.93
OP2 8OG B 6 -15.19 -12.76 8.93
O5' 8OG B 6 -12.77 -12.24 8.98
C5' 8OG B 6 -11.37 -12.54 9.13
C4' 8OG B 6 -10.56 -11.26 8.93
O4' 8OG B 6 -10.68 -10.86 7.54
C3' 8OG B 6 -11.08 -10.09 9.78
O3' 8OG B 6 -9.97 -9.45 10.43
C2' 8OG B 6 -11.76 -9.20 8.77
C1' 8OG B 6 -10.93 -9.49 7.54
N9 8OG B 6 -11.45 -8.94 6.28
C8 8OG B 6 -12.70 -8.70 5.85
N7 8OG B 6 -12.76 -8.07 4.65
C5 8OG B 6 -11.45 -7.95 4.30
C6 8OG B 6 -10.80 -7.40 3.19
O6 8OG B 6 -11.52 -6.88 2.18
N1 8OG B 6 -9.45 -7.40 3.15
C2 8OG B 6 -8.71 -7.92 4.16
N2 8OG B 6 -7.37 -7.91 4.09
N3 8OG B 6 -9.31 -8.46 5.24
C4 8OG B 6 -10.66 -8.49 5.32
O8 8OG B 6 -13.73 -9.00 6.54
N1 DOC C 11 -6.04 -5.23 0.21
C2 DOC C 11 -6.78 -5.87 1.21
N3 DOC C 11 -8.09 -6.13 1.05
C4 DOC C 11 -8.72 -5.74 -0.08
C5 DOC C 11 -8.00 -5.11 -1.11
C6 DOC C 11 -6.64 -4.86 -0.94
O2 DOC C 11 -6.21 -6.24 2.25
N4 DOC C 11 -10.03 -5.99 -0.18
C1' DOC C 11 -4.63 -4.96 0.49
C2' DOC C 11 -3.73 -6.05 -0.01
C3' DOC C 11 -3.06 -5.43 -1.20
C4' DOC C 11 -3.09 -3.93 -0.93
O4' DOC C 11 -4.26 -3.72 -0.12
C5' DOC C 11 -3.18 -3.11 -2.21
O5' DOC C 11 -4.30 -3.52 -2.99
P DOC C 11 -4.53 -2.86 -4.44
OP1 DOC C 11 -3.23 -2.71 -5.15
OP2 DOC C 11 -5.55 -3.66 -5.18
N1 DCP D . -4.05 -9.95 1.78
C2 DCP D . -5.35 -10.27 2.24
N3 DCP D . -6.42 -10.06 1.45
C4 DCP D . -6.26 -9.55 0.20
C5 DCP D . -4.99 -9.26 -0.27
C6 DCP D . -3.89 -9.46 0.55
O2 DCP D . -5.48 -10.75 3.38
N4 DCP D . -7.32 -9.35 -0.60
C1' DCP D . -2.92 -10.12 2.71
C2' DCP D . -2.07 -11.34 2.46
C3' DCP D . -0.84 -10.78 1.82
C4' DCP D . -0.73 -9.33 2.31
O4' DCP D . -2.09 -8.95 2.60
O3' DCP D . 0.31 -11.56 2.15
C5' DCP D . -0.07 -8.38 1.32
O5' DCP D . -0.71 -8.43 0.05
PA DCP D . 0.01 -8.46 -1.38
O1A DCP D . 1.27 -7.65 -1.36
O2A DCP D . -1.05 -8.23 -2.39
O3A DCP D . 0.36 -10.03 -1.55
PB DCP D . 1.64 -10.80 -1.01
O1B DCP D . 2.61 -10.00 -0.23
O2B DCP D . 1.11 -12.04 -0.31
O3B DCP D . 2.30 -11.36 -2.40
PG DCP D . 3.32 -10.55 -3.36
O1G DCP D . 3.30 -9.13 -2.81
O2G DCP D . 4.66 -11.21 -3.22
O3G DCP D . 2.64 -10.79 -4.68
MG MG E . 3.25 -8.16 -0.94
MG MG F . 0.12 -4.89 -1.67
S SO4 G . -19.50 0.16 7.04
O1 SO4 G . -18.26 -0.60 7.19
O2 SO4 G . -20.63 -0.76 7.10
O3 SO4 G . -19.61 1.12 8.15
O4 SO4 G . -19.46 0.90 5.77
S SO4 H . 33.21 15.46 -18.78
O1 SO4 H . 34.26 14.72 -19.45
O2 SO4 H . 32.14 15.73 -19.76
O3 SO4 H . 32.74 14.57 -17.71
O4 SO4 H . 33.69 16.70 -18.23
S SO4 I . 9.66 21.62 3.87
O1 SO4 I . 9.48 20.28 4.40
O2 SO4 I . 9.11 21.64 2.52
O3 SO4 I . 8.94 22.58 4.70
O4 SO4 I . 11.09 21.98 3.80
#